data_4M3O
#
_entry.id   4M3O
#
_cell.length_a   43.272
_cell.length_b   88.920
_cell.length_c   102.488
_cell.angle_alpha   90.00
_cell.angle_beta   90.00
_cell.angle_gamma   90.00
#
_symmetry.space_group_name_H-M   'P 21 21 21'
#
loop_
_entity.id
_entity.type
_entity.pdbx_description
1 polymer KLLA0F12672p
2 non-polymer 'ZINC ION'
3 water water
#
_entity_poly.entity_id   1
_entity_poly.type   'polypeptide(L)'
_entity_poly.pdbx_seq_one_letter_code
;FMATIEEIKEVVLKPYTNHRQLTIREVETISINLIDLLITKDVKDARTMKYISRFLTKQDYADLVQERNLVKRCGYPLCS
KSQARVRDPFADVQMTNFLRQNNPYAYLTEYCTKAHFRCSQFYQFQLSDEALFARVGVHLDDYEPPSEIQLLEEVLA
;
_entity_poly.pdbx_strand_id   A,B
#
# COMPACT_ATOMS: atom_id res chain seq x y z
N PHE A 1 -7.76 21.59 -18.96
CA PHE A 1 -6.46 21.68 -18.26
C PHE A 1 -6.14 20.37 -17.50
N MET A 2 -6.88 20.11 -16.43
CA MET A 2 -6.66 18.97 -15.54
C MET A 2 -7.95 18.17 -15.38
N ALA A 3 -7.82 16.87 -15.17
CA ALA A 3 -8.97 15.97 -15.21
C ALA A 3 -9.66 15.88 -13.84
N THR A 4 -10.98 15.82 -13.90
CA THR A 4 -11.86 15.75 -12.72
C THR A 4 -12.87 14.64 -12.88
N ILE A 5 -13.53 14.25 -11.77
CA ILE A 5 -14.59 13.24 -11.78
C ILE A 5 -15.65 13.50 -12.86
N GLU A 6 -16.06 14.77 -12.90
CA GLU A 6 -17.10 15.25 -13.82
C GLU A 6 -16.74 14.99 -15.27
N GLU A 7 -15.52 15.37 -15.60
CA GLU A 7 -14.94 15.10 -16.92
C GLU A 7 -14.87 13.61 -17.30
N ILE A 8 -14.36 12.79 -16.38
CA ILE A 8 -14.31 11.33 -16.61
C ILE A 8 -15.70 10.78 -16.94
N LYS A 9 -16.71 11.23 -16.21
CA LYS A 9 -18.09 10.74 -16.40
C LYS A 9 -18.55 11.14 -17.77
N GLU A 10 -18.21 12.34 -18.17
CA GLU A 10 -18.62 12.83 -19.47
C GLU A 10 -17.86 12.22 -20.66
N VAL A 11 -16.55 12.08 -20.56
CA VAL A 11 -15.72 11.64 -21.72
C VAL A 11 -15.39 10.15 -21.70
N VAL A 12 -15.64 9.46 -20.59
CA VAL A 12 -15.34 8.04 -20.51
C VAL A 12 -16.61 7.23 -20.26
N LEU A 13 -17.36 7.58 -19.24
CA LEU A 13 -18.45 6.70 -18.82
C LEU A 13 -19.82 6.98 -19.45
N LYS A 14 -19.96 8.13 -20.14
CA LYS A 14 -21.29 8.63 -20.54
C LYS A 14 -22.11 7.53 -21.27
N PRO A 15 -21.51 6.80 -22.21
CA PRO A 15 -22.34 5.83 -22.94
C PRO A 15 -22.97 4.75 -22.11
N TYR A 16 -22.43 4.51 -20.90
CA TYR A 16 -22.69 3.28 -20.17
C TYR A 16 -23.56 3.56 -18.96
N THR A 17 -23.94 4.82 -18.75
CA THR A 17 -24.72 5.20 -17.55
C THR A 17 -26.01 4.40 -17.40
N ASN A 18 -26.65 3.96 -18.46
CA ASN A 18 -27.89 3.21 -18.32
C ASN A 18 -27.76 1.71 -18.56
N HIS A 19 -26.55 1.18 -18.60
CA HIS A 19 -26.35 -0.24 -18.84
C HIS A 19 -26.42 -0.96 -17.57
N ARG A 20 -27.05 -2.09 -17.49
CA ARG A 20 -27.01 -2.73 -16.22
C ARG A 20 -25.93 -3.77 -16.18
N GLN A 21 -25.46 -4.11 -17.36
CA GLN A 21 -24.30 -4.97 -17.52
C GLN A 21 -23.43 -4.54 -18.68
N LEU A 22 -22.13 -4.73 -18.50
CA LEU A 22 -21.17 -4.43 -19.55
C LEU A 22 -20.58 -5.69 -20.14
N THR A 23 -20.31 -5.65 -21.42
CA THR A 23 -19.51 -6.69 -22.05
C THR A 23 -18.02 -6.44 -21.71
N ILE A 24 -17.23 -7.46 -21.97
CA ILE A 24 -15.79 -7.41 -21.87
C ILE A 24 -15.21 -6.34 -22.77
N ARG A 25 -15.76 -6.17 -23.96
CA ARG A 25 -15.23 -5.11 -24.85
C ARG A 25 -15.50 -3.72 -24.35
N GLU A 26 -16.66 -3.51 -23.72
CA GLU A 26 -17.06 -2.20 -23.24
C GLU A 26 -16.18 -1.86 -22.03
N VAL A 27 -15.91 -2.83 -21.17
CA VAL A 27 -14.98 -2.66 -20.04
C VAL A 27 -13.58 -2.27 -20.53
N GLU A 28 -13.09 -3.00 -21.53
CA GLU A 28 -11.79 -2.63 -22.12
C GLU A 28 -11.81 -1.21 -22.71
N THR A 29 -12.94 -0.83 -23.31
CA THR A 29 -13.02 0.49 -23.97
C THR A 29 -12.93 1.58 -22.86
N ILE A 30 -13.54 1.33 -21.71
CA ILE A 30 -13.47 2.27 -20.56
C ILE A 30 -12.01 2.49 -20.10
N SER A 31 -11.31 1.38 -19.87
CA SER A 31 -9.92 1.47 -19.41
C SER A 31 -9.10 2.21 -20.42
N ILE A 32 -9.28 1.91 -21.72
CA ILE A 32 -8.47 2.58 -22.74
C ILE A 32 -8.75 4.07 -22.77
N ASN A 33 -10.02 4.45 -22.67
CA ASN A 33 -10.35 5.86 -22.77
C ASN A 33 -9.87 6.59 -21.50
N LEU A 34 -9.96 5.91 -20.38
CA LEU A 34 -9.48 6.51 -19.12
C LEU A 34 -7.94 6.73 -19.14
N ILE A 35 -7.21 5.71 -19.48
CA ILE A 35 -5.75 5.82 -19.61
C ILE A 35 -5.34 6.90 -20.59
N ASP A 36 -5.97 6.93 -21.74
CA ASP A 36 -5.75 8.00 -22.71
C ASP A 36 -5.97 9.40 -22.12
N LEU A 37 -7.05 9.56 -21.34
CA LEU A 37 -7.32 10.85 -20.71
C LEU A 37 -6.24 11.17 -19.73
N LEU A 38 -5.75 10.16 -19.01
CA LEU A 38 -4.74 10.46 -17.94
C LEU A 38 -3.30 10.60 -18.44
N ILE A 39 -3.08 10.45 -19.73
CA ILE A 39 -1.77 10.81 -20.33
C ILE A 39 -1.77 12.14 -21.07
N THR A 40 -2.96 12.60 -21.50
CA THR A 40 -3.15 13.90 -22.11
C THR A 40 -3.25 14.95 -21.04
N LYS A 41 -3.80 14.58 -19.87
CA LYS A 41 -4.06 15.50 -18.75
C LYS A 41 -3.61 14.89 -17.42
N ASP A 42 -3.43 15.75 -16.40
CA ASP A 42 -3.06 15.30 -15.06
C ASP A 42 -4.30 15.40 -14.25
N VAL A 43 -4.34 14.68 -13.13
CA VAL A 43 -5.50 14.59 -12.26
C VAL A 43 -5.54 15.81 -11.35
N LYS A 44 -6.69 16.44 -11.23
CA LYS A 44 -6.64 17.75 -10.65
C LYS A 44 -6.48 17.69 -9.15
N ASP A 45 -7.08 16.74 -8.47
CA ASP A 45 -7.14 16.81 -7.05
C ASP A 45 -7.30 15.43 -6.43
N ALA A 46 -7.24 15.41 -5.11
CA ALA A 46 -7.37 14.20 -4.32
C ALA A 46 -8.65 13.43 -4.59
N ARG A 47 -9.74 14.16 -4.77
CA ARG A 47 -11.04 13.47 -4.81
C ARG A 47 -11.14 12.70 -6.12
N THR A 48 -10.54 13.25 -7.17
CA THR A 48 -10.55 12.61 -8.45
C THR A 48 -9.62 11.33 -8.45
N MET A 49 -8.48 11.49 -7.81
CA MET A 49 -7.48 10.45 -7.63
C MET A 49 -8.11 9.28 -6.87
N LYS A 50 -8.92 9.59 -5.86
CA LYS A 50 -9.60 8.51 -5.10
C LYS A 50 -10.72 7.86 -5.93
N TYR A 51 -11.39 8.67 -6.75
CA TYR A 51 -12.42 8.14 -7.65
C TYR A 51 -11.84 7.15 -8.71
N ILE A 52 -10.72 7.52 -9.33
CA ILE A 52 -9.99 6.71 -10.35
C ILE A 52 -9.79 5.26 -9.99
N SER A 53 -9.48 5.04 -8.71
CA SER A 53 -8.99 3.78 -8.23
C SER A 53 -9.94 2.70 -8.57
N ARG A 54 -11.25 3.00 -8.55
CA ARG A 54 -12.23 1.97 -8.91
C ARG A 54 -12.05 1.42 -10.32
N PHE A 55 -11.46 2.20 -11.22
CA PHE A 55 -11.25 1.71 -12.56
C PHE A 55 -9.83 1.14 -12.82
N LEU A 56 -8.98 1.00 -11.81
CA LEU A 56 -7.59 0.60 -12.04
C LEU A 56 -7.23 -0.63 -11.25
N THR A 57 -6.57 -1.59 -11.92
CA THR A 57 -5.88 -2.66 -11.21
C THR A 57 -4.48 -2.18 -10.97
N LYS A 58 -3.72 -2.92 -10.16
CA LYS A 58 -2.38 -2.55 -9.88
C LYS A 58 -1.53 -2.51 -11.16
N GLN A 59 -1.76 -3.47 -12.07
CA GLN A 59 -1.08 -3.52 -13.34
C GLN A 59 -1.50 -2.40 -14.30
N ASP A 60 -2.77 -2.06 -14.37
CA ASP A 60 -3.19 -0.92 -15.20
C ASP A 60 -2.56 0.37 -14.73
N TYR A 61 -2.39 0.51 -13.41
CA TYR A 61 -1.70 1.67 -12.84
C TYR A 61 -0.22 1.70 -13.25
N ALA A 62 0.48 0.60 -13.09
CA ALA A 62 1.88 0.50 -13.59
C ALA A 62 1.98 0.84 -15.07
N ASP A 63 1.04 0.39 -15.89
CA ASP A 63 1.06 0.74 -17.29
C ASP A 63 0.76 2.24 -17.50
N LEU A 64 -0.19 2.79 -16.72
CA LEU A 64 -0.43 4.23 -16.70
C LEU A 64 0.90 5.01 -16.54
N VAL A 65 1.69 4.59 -15.56
CA VAL A 65 2.91 5.26 -15.23
C VAL A 65 3.83 5.18 -16.45
N GLN A 66 3.91 4.02 -17.09
CA GLN A 66 4.81 3.85 -18.25
C GLN A 66 4.38 4.80 -19.40
N GLU A 67 3.13 4.71 -19.76
CA GLU A 67 2.57 5.56 -20.83
C GLU A 67 2.75 7.03 -20.52
N ARG A 68 2.63 7.42 -19.25
CA ARG A 68 2.86 8.83 -18.90
C ARG A 68 4.33 9.24 -19.09
N ASN A 69 5.23 8.34 -18.70
CA ASN A 69 6.63 8.60 -18.93
C ASN A 69 7.02 8.78 -20.45
N LEU A 70 6.41 7.99 -21.32
CA LEU A 70 6.62 8.08 -22.79
C LEU A 70 6.20 9.40 -23.37
N VAL A 71 5.32 10.13 -22.69
CA VAL A 71 4.99 11.51 -23.11
C VAL A 71 5.62 12.55 -22.13
N LYS A 72 6.68 12.12 -21.51
CA LYS A 72 7.44 12.94 -20.58
C LYS A 72 6.66 13.50 -19.38
N ARG A 73 5.80 12.66 -18.82
CA ARG A 73 5.16 13.10 -17.53
C ARG A 73 5.59 12.22 -16.39
N CYS A 74 5.87 12.87 -15.26
CA CYS A 74 5.98 12.15 -13.98
C CYS A 74 4.86 11.09 -13.89
N GLY A 75 5.26 9.93 -13.43
CA GLY A 75 4.36 8.80 -13.30
C GLY A 75 3.15 9.05 -12.43
N TYR A 76 3.34 9.82 -11.38
CA TYR A 76 2.24 10.13 -10.42
C TYR A 76 1.23 11.07 -11.06
N PRO A 77 -0.01 10.58 -11.31
CA PRO A 77 -1.01 11.27 -12.12
C PRO A 77 -1.38 12.72 -11.67
N LEU A 78 -1.24 13.03 -10.39
CA LEU A 78 -1.45 14.40 -9.89
C LEU A 78 -0.35 15.40 -10.27
N CYS A 79 0.74 14.93 -10.84
CA CYS A 79 1.89 15.78 -11.10
C CYS A 79 1.89 16.30 -12.53
N SER A 80 2.33 17.53 -12.71
CA SER A 80 2.44 18.10 -14.04
C SER A 80 3.90 18.36 -14.41
N LYS A 81 4.83 17.77 -13.68
CA LYS A 81 6.23 17.74 -14.15
C LYS A 81 6.56 16.46 -14.91
N SER A 82 7.78 16.42 -15.46
CA SER A 82 8.40 15.24 -16.08
C SER A 82 9.09 14.42 -15.06
N GLN A 83 9.36 13.17 -15.39
CA GLN A 83 10.28 12.40 -14.61
C GLN A 83 11.57 13.16 -14.59
N ALA A 84 12.39 12.95 -13.60
CA ALA A 84 13.62 13.75 -13.46
C ALA A 84 14.65 13.40 -14.54
N ARG A 85 14.73 12.12 -14.89
CA ARG A 85 15.65 11.57 -15.93
C ARG A 85 14.87 10.96 -17.09
N VAL A 86 14.48 11.79 -18.05
N VAL A 86 14.48 11.79 -18.05
CA VAL A 86 13.73 11.33 -19.19
CA VAL A 86 13.75 11.33 -19.19
C VAL A 86 14.64 10.44 -20.04
C VAL A 86 14.65 10.44 -20.02
N ARG A 87 14.19 9.23 -20.31
CA ARG A 87 14.97 8.27 -21.07
C ARG A 87 15.19 8.77 -22.52
N ASP A 88 16.45 8.97 -22.89
CA ASP A 88 16.80 9.36 -24.25
C ASP A 88 16.98 8.11 -25.16
N PRO A 89 16.23 8.04 -26.30
CA PRO A 89 16.36 6.88 -27.20
C PRO A 89 17.68 6.81 -27.98
N PHE A 90 18.46 7.89 -28.02
CA PHE A 90 19.75 7.94 -28.75
C PHE A 90 20.90 7.42 -27.88
N ALA A 91 20.54 6.54 -26.94
CA ALA A 91 21.43 6.00 -25.94
C ALA A 91 20.78 4.70 -25.39
N ASP A 92 21.39 3.51 -25.46
CA ASP A 92 22.68 3.15 -26.06
C ASP A 92 23.02 1.70 -25.70
N TYR A 105 18.29 4.79 -7.02
CA TYR A 105 18.49 5.73 -8.13
C TYR A 105 17.34 5.63 -9.16
N ALA A 106 17.00 4.37 -9.46
CA ALA A 106 16.18 3.99 -10.58
C ALA A 106 14.83 4.76 -10.75
N TYR A 107 14.16 5.06 -9.63
CA TYR A 107 12.84 5.71 -9.62
C TYR A 107 12.80 7.09 -10.30
N LEU A 108 13.98 7.73 -10.38
CA LEU A 108 14.09 9.01 -11.10
C LEU A 108 13.84 8.90 -12.61
N THR A 109 13.78 7.69 -13.13
CA THR A 109 13.45 7.54 -14.54
C THR A 109 11.91 7.55 -14.77
N GLU A 110 11.15 7.42 -13.68
CA GLU A 110 9.70 7.34 -13.71
C GLU A 110 8.96 8.48 -12.95
N TYR A 111 9.66 9.13 -12.04
CA TYR A 111 9.10 10.18 -11.21
C TYR A 111 10.00 11.36 -11.19
N CYS A 112 9.42 12.52 -10.86
CA CYS A 112 10.16 13.78 -10.71
C CYS A 112 11.06 13.76 -9.48
N THR A 113 10.65 13.03 -8.44
CA THR A 113 11.29 13.06 -7.08
C THR A 113 11.10 11.73 -6.33
N LYS A 114 11.80 11.56 -5.21
CA LYS A 114 11.60 10.32 -4.44
C LYS A 114 10.19 10.33 -3.77
N ALA A 115 9.75 11.51 -3.43
CA ALA A 115 8.51 11.77 -2.77
C ALA A 115 7.37 11.23 -3.66
N HIS A 116 7.42 11.56 -4.95
CA HIS A 116 6.39 11.10 -5.92
C HIS A 116 6.51 9.64 -6.24
N PHE A 117 7.74 9.10 -6.28
CA PHE A 117 7.93 7.64 -6.17
C PHE A 117 7.11 7.01 -4.98
N ARG A 118 7.26 7.54 -3.77
CA ARG A 118 6.59 6.96 -2.59
C ARG A 118 5.06 7.17 -2.64
N CYS A 119 4.62 8.35 -3.08
CA CYS A 119 3.19 8.61 -3.17
C CYS A 119 2.53 7.64 -4.15
N SER A 120 3.26 7.37 -5.23
CA SER A 120 2.86 6.45 -6.26
C SER A 120 2.76 5.01 -5.82
N GLN A 121 3.79 4.52 -5.15
CA GLN A 121 3.75 3.21 -4.48
C GLN A 121 2.59 3.08 -3.42
N PHE A 122 2.45 4.14 -2.61
CA PHE A 122 1.44 4.20 -1.58
C PHE A 122 0.05 4.01 -2.21
N TYR A 123 -0.18 4.73 -3.31
CA TYR A 123 -1.46 4.60 -4.02
C TYR A 123 -1.61 3.20 -4.63
N GLN A 124 -0.57 2.70 -5.31
CA GLN A 124 -0.64 1.43 -6.01
C GLN A 124 -0.87 0.30 -5.07
N PHE A 125 -0.14 0.31 -3.95
CA PHE A 125 -0.34 -0.75 -2.93
C PHE A 125 -1.81 -0.92 -2.53
N GLN A 126 -2.62 0.12 -2.65
CA GLN A 126 -3.99 -0.04 -2.21
C GLN A 126 -4.93 -0.45 -3.34
N LEU A 127 -4.47 -0.50 -4.57
CA LEU A 127 -5.39 -0.81 -5.63
C LEU A 127 -5.63 -2.35 -5.62
N SER A 128 -6.76 -2.76 -6.15
CA SER A 128 -7.21 -4.16 -6.15
C SER A 128 -6.67 -4.81 -7.37
N ASP A 129 -6.39 -6.12 -7.29
CA ASP A 129 -6.12 -6.93 -8.50
C ASP A 129 -7.35 -7.59 -9.11
N GLU A 130 -8.51 -7.43 -8.50
CA GLU A 130 -9.80 -7.81 -9.11
C GLU A 130 -9.99 -7.16 -10.49
N ALA A 131 -10.32 -8.02 -11.46
CA ALA A 131 -10.43 -7.61 -12.81
C ALA A 131 -11.57 -6.63 -12.83
N LEU A 132 -11.41 -5.61 -13.66
CA LEU A 132 -12.45 -4.61 -13.85
C LEU A 132 -13.78 -5.21 -14.18
N PHE A 133 -13.72 -6.23 -15.03
CA PHE A 133 -14.92 -6.89 -15.52
C PHE A 133 -15.65 -7.51 -14.31
N ALA A 134 -14.92 -7.90 -13.24
CA ALA A 134 -15.54 -8.52 -12.03
C ALA A 134 -16.00 -7.51 -10.98
N ARG A 135 -15.90 -6.22 -11.30
CA ARG A 135 -16.29 -5.19 -10.35
C ARG A 135 -17.75 -4.78 -10.62
N VAL A 136 -18.69 -5.46 -9.97
CA VAL A 136 -20.11 -5.33 -10.36
C VAL A 136 -20.59 -3.89 -10.21
N GLY A 137 -21.11 -3.35 -11.30
CA GLY A 137 -21.64 -1.99 -11.30
C GLY A 137 -20.62 -0.89 -11.12
N VAL A 138 -19.32 -1.11 -11.41
CA VAL A 138 -18.32 0.00 -11.28
C VAL A 138 -18.57 1.17 -12.19
N HIS A 139 -19.19 0.92 -13.32
CA HIS A 139 -19.56 2.00 -14.24
C HIS A 139 -20.70 2.90 -13.74
N LEU A 140 -21.36 2.54 -12.63
CA LEU A 140 -22.59 3.22 -12.21
C LEU A 140 -22.32 4.33 -11.23
N ASP A 141 -23.14 5.38 -11.30
CA ASP A 141 -23.04 6.48 -10.33
C ASP A 141 -23.27 6.05 -8.88
N ASP A 142 -23.98 4.96 -8.65
CA ASP A 142 -24.19 4.47 -7.27
C ASP A 142 -23.15 3.46 -6.74
N TYR A 143 -22.08 3.15 -7.48
CA TYR A 143 -21.12 2.17 -6.99
C TYR A 143 -20.43 2.59 -5.68
N GLU A 144 -20.25 1.63 -4.79
CA GLU A 144 -19.61 1.86 -3.50
C GLU A 144 -18.33 1.04 -3.44
N PRO A 145 -17.19 1.69 -3.37
CA PRO A 145 -15.92 1.01 -3.27
C PRO A 145 -15.82 0.27 -1.98
N PRO A 146 -15.03 -0.77 -1.94
CA PRO A 146 -14.86 -1.54 -0.73
C PRO A 146 -13.83 -0.93 0.20
N SER A 147 -13.64 0.37 0.14
CA SER A 147 -12.81 1.08 1.10
C SER A 147 -12.35 2.35 0.47
N GLU A 148 -11.99 3.31 1.29
CA GLU A 148 -11.58 4.58 0.78
C GLU A 148 -10.08 4.60 0.65
N ILE A 149 -9.62 4.96 -0.52
CA ILE A 149 -8.22 4.90 -0.86
C ILE A 149 -7.61 6.12 -0.17
N GLN A 150 -6.40 5.99 0.32
CA GLN A 150 -5.69 7.04 1.06
C GLN A 150 -4.59 7.59 0.13
N LEU A 151 -4.35 8.89 0.19
CA LEU A 151 -3.29 9.51 -0.62
C LEU A 151 -2.20 10.04 0.32
N LEU A 152 -0.95 9.84 0.01
CA LEU A 152 0.11 10.29 0.84
C LEU A 152 0.47 11.74 0.60
N GLU A 153 0.48 12.56 1.64
CA GLU A 153 0.92 13.95 1.52
C GLU A 153 2.41 13.97 1.09
N GLU A 154 2.75 14.84 0.15
CA GLU A 154 4.11 14.92 -0.35
C GLU A 154 5.08 15.24 0.74
N VAL A 155 4.68 16.17 1.61
CA VAL A 155 5.56 16.48 2.76
C VAL A 155 5.95 15.26 3.61
N LEU A 156 5.08 14.24 3.66
CA LEU A 156 5.38 13.05 4.48
C LEU A 156 6.06 11.97 3.64
N ALA A 157 6.30 12.26 2.36
CA ALA A 157 6.81 11.22 1.50
C ALA A 157 8.31 11.40 1.27
N PHE B 1 16.58 -3.85 25.44
CA PHE B 1 15.47 -2.95 25.88
C PHE B 1 14.36 -2.88 24.77
N MET B 2 14.81 -2.80 23.50
CA MET B 2 13.96 -2.86 22.29
C MET B 2 13.99 -4.24 21.62
N ALA B 3 12.96 -4.57 20.85
CA ALA B 3 12.85 -5.91 20.26
C ALA B 3 13.74 -6.04 19.01
N THR B 4 14.47 -7.14 18.94
CA THR B 4 15.32 -7.43 17.83
C THR B 4 14.97 -8.80 17.27
N ILE B 5 15.55 -9.10 16.11
CA ILE B 5 15.43 -10.43 15.46
C ILE B 5 15.85 -11.57 16.39
N GLU B 6 17.02 -11.37 17.00
CA GLU B 6 17.69 -12.35 17.85
C GLU B 6 16.79 -12.70 19.03
N GLU B 7 16.23 -11.65 19.63
CA GLU B 7 15.18 -11.76 20.64
C GLU B 7 14.01 -12.60 20.17
N ILE B 8 13.45 -12.28 19.02
CA ILE B 8 12.27 -13.02 18.58
C ILE B 8 12.62 -14.51 18.34
N LYS B 9 13.77 -14.76 17.74
CA LYS B 9 14.23 -16.11 17.53
C LYS B 9 14.38 -16.86 18.84
N GLU B 10 14.99 -16.20 19.81
CA GLU B 10 15.17 -16.75 21.14
C GLU B 10 13.87 -17.06 21.86
N VAL B 11 12.92 -16.15 21.76
CA VAL B 11 11.81 -16.10 22.69
C VAL B 11 10.47 -16.50 22.06
N VAL B 12 10.38 -16.51 20.74
CA VAL B 12 9.14 -16.91 20.14
C VAL B 12 9.36 -18.19 19.30
N LEU B 13 10.51 -18.29 18.67
CA LEU B 13 10.70 -19.33 17.66
C LEU B 13 11.46 -20.60 18.12
N LYS B 14 12.26 -20.50 19.19
CA LYS B 14 13.15 -21.61 19.60
C LYS B 14 12.49 -22.97 19.85
N PRO B 15 11.28 -22.99 20.41
CA PRO B 15 10.67 -24.32 20.56
C PRO B 15 10.51 -25.10 19.26
N TYR B 16 10.65 -24.45 18.09
CA TYR B 16 10.20 -25.01 16.84
C TYR B 16 11.32 -25.24 15.84
N THR B 17 12.58 -25.12 16.26
CA THR B 17 13.69 -25.21 15.30
C THR B 17 13.85 -26.61 14.63
N ASN B 18 13.25 -27.65 15.19
CA ASN B 18 13.31 -28.95 14.59
C ASN B 18 11.92 -29.39 14.06
N HIS B 19 10.94 -28.48 14.07
CA HIS B 19 9.65 -28.79 13.48
C HIS B 19 9.77 -28.59 12.01
N ARG B 20 9.22 -29.49 11.22
CA ARG B 20 9.17 -29.18 9.82
C ARG B 20 7.89 -28.40 9.44
N GLN B 21 6.74 -28.80 9.99
CA GLN B 21 5.45 -28.06 9.95
C GLN B 21 4.95 -27.76 11.35
N LEU B 22 4.08 -26.76 11.48
CA LEU B 22 3.52 -26.41 12.79
C LEU B 22 2.04 -26.70 12.78
N THR B 23 1.46 -27.03 13.90
CA THR B 23 0.01 -27.18 13.95
C THR B 23 -0.66 -25.81 14.08
N ILE B 24 -1.99 -25.76 14.08
CA ILE B 24 -2.66 -24.50 14.15
C ILE B 24 -2.43 -23.91 15.54
N ARG B 25 -2.55 -24.73 16.58
CA ARG B 25 -2.21 -24.29 17.92
C ARG B 25 -0.82 -23.60 18.05
N GLU B 26 0.20 -24.12 17.37
CA GLU B 26 1.58 -23.57 17.45
C GLU B 26 1.72 -22.24 16.69
N VAL B 27 1.08 -22.13 15.55
CA VAL B 27 1.01 -20.83 14.87
C VAL B 27 0.36 -19.80 15.79
N GLU B 28 -0.77 -20.13 16.38
CA GLU B 28 -1.41 -19.19 17.26
C GLU B 28 -0.53 -18.84 18.44
N THR B 29 0.19 -19.80 19.02
CA THR B 29 1.11 -19.50 20.12
C THR B 29 2.14 -18.47 19.73
N ILE B 30 2.62 -18.63 18.53
CA ILE B 30 3.63 -17.73 17.98
C ILE B 30 3.09 -16.28 17.82
N SER B 31 1.89 -16.14 17.25
CA SER B 31 1.29 -14.82 17.04
C SER B 31 1.13 -14.19 18.37
N ILE B 32 0.54 -14.95 19.30
CA ILE B 32 0.30 -14.49 20.67
C ILE B 32 1.58 -13.97 21.27
N ASN B 33 2.64 -14.78 21.16
CA ASN B 33 3.89 -14.49 21.83
C ASN B 33 4.47 -13.28 21.16
N LEU B 34 4.30 -13.21 19.85
CA LEU B 34 4.94 -12.12 19.14
C LEU B 34 4.24 -10.82 19.50
N ILE B 35 2.91 -10.88 19.58
CA ILE B 35 2.17 -9.68 19.90
C ILE B 35 2.48 -9.17 21.33
N ASP B 36 2.56 -10.10 22.30
CA ASP B 36 2.86 -9.76 23.70
C ASP B 36 4.17 -9.06 23.72
N LEU B 37 5.09 -9.53 22.87
CA LEU B 37 6.36 -8.89 22.84
C LEU B 37 6.27 -7.46 22.30
N LEU B 38 5.53 -7.24 21.21
CA LEU B 38 5.57 -5.89 20.55
C LEU B 38 4.64 -4.92 21.21
N ILE B 39 3.92 -5.35 22.23
CA ILE B 39 3.19 -4.38 23.00
C ILE B 39 3.96 -4.01 24.25
N THR B 40 5.06 -4.68 24.56
CA THR B 40 5.83 -4.36 25.77
C THR B 40 7.17 -3.74 25.41
N LYS B 41 7.63 -3.98 24.19
CA LYS B 41 8.86 -3.38 23.70
C LYS B 41 8.54 -2.82 22.37
N ASP B 42 9.29 -1.78 22.01
CA ASP B 42 9.24 -1.21 20.68
C ASP B 42 10.28 -1.87 19.79
N VAL B 43 10.11 -1.81 18.46
CA VAL B 43 10.96 -2.53 17.56
C VAL B 43 12.24 -1.71 17.36
N LYS B 44 13.39 -2.38 17.38
CA LYS B 44 14.69 -1.68 17.39
C LYS B 44 15.01 -0.89 16.13
N ASP B 45 14.81 -1.47 14.95
CA ASP B 45 15.32 -0.88 13.71
C ASP B 45 14.60 -1.43 12.53
N ALA B 46 14.98 -0.91 11.36
CA ALA B 46 14.31 -1.21 10.10
C ALA B 46 14.44 -2.67 9.76
N ARG B 47 15.57 -3.25 10.04
CA ARG B 47 15.73 -4.63 9.63
C ARG B 47 14.85 -5.52 10.50
N THR B 48 14.65 -5.19 11.76
CA THR B 48 13.77 -6.03 12.56
C THR B 48 12.31 -5.87 12.04
N MET B 49 11.98 -4.66 11.61
CA MET B 49 10.61 -4.35 11.18
C MET B 49 10.31 -5.13 9.91
N LYS B 50 11.30 -5.18 9.03
CA LYS B 50 11.17 -5.96 7.82
C LYS B 50 11.12 -7.47 8.10
N TYR B 51 11.96 -7.93 9.05
CA TYR B 51 11.92 -9.35 9.48
C TYR B 51 10.47 -9.80 9.94
N ILE B 52 9.92 -9.03 10.87
CA ILE B 52 8.59 -9.25 11.54
C ILE B 52 7.45 -9.44 10.59
N SER B 53 7.54 -8.81 9.44
CA SER B 53 6.43 -8.82 8.50
C SER B 53 6.03 -10.26 8.06
N ARG B 54 6.98 -11.20 8.13
CA ARG B 54 6.66 -12.56 7.68
C ARG B 54 5.72 -13.24 8.64
N PHE B 55 5.58 -12.67 9.84
CA PHE B 55 4.68 -13.26 10.82
C PHE B 55 3.32 -12.61 10.86
N LEU B 56 3.10 -11.57 10.08
CA LEU B 56 1.86 -10.79 10.22
C LEU B 56 1.03 -10.76 8.96
N THR B 57 -0.29 -10.87 9.13
CA THR B 57 -1.25 -10.43 8.13
C THR B 57 -1.59 -8.98 8.37
N LYS B 58 -2.31 -8.36 7.44
CA LYS B 58 -2.79 -7.00 7.57
C LYS B 58 -3.64 -6.87 8.80
N GLN B 59 -4.49 -7.87 9.04
CA GLN B 59 -5.34 -7.84 10.24
C GLN B 59 -4.60 -8.06 11.56
N ASP B 60 -3.58 -8.94 11.55
CA ASP B 60 -2.68 -9.05 12.69
C ASP B 60 -2.03 -7.71 13.06
N TYR B 61 -1.53 -7.00 12.06
CA TYR B 61 -0.90 -5.71 12.32
C TYR B 61 -1.94 -4.68 12.87
N ALA B 62 -3.17 -4.70 12.34
CA ALA B 62 -4.20 -3.77 12.83
C ALA B 62 -4.51 -4.11 14.29
N ASP B 63 -4.56 -5.41 14.62
CA ASP B 63 -4.71 -5.83 16.04
C ASP B 63 -3.56 -5.27 16.95
N LEU B 64 -2.35 -5.36 16.45
CA LEU B 64 -1.16 -4.87 17.15
C LEU B 64 -1.27 -3.39 17.46
N VAL B 65 -1.60 -2.58 16.43
CA VAL B 65 -1.79 -1.17 16.59
C VAL B 65 -2.81 -0.93 17.75
N GLN B 66 -3.93 -1.64 17.76
CA GLN B 66 -4.90 -1.43 18.82
C GLN B 66 -4.34 -1.79 20.19
N GLU B 67 -3.68 -2.92 20.29
CA GLU B 67 -3.20 -3.37 21.66
C GLU B 67 -2.05 -2.45 22.08
N ARG B 68 -1.23 -1.99 21.14
CA ARG B 68 -0.25 -0.95 21.45
C ARG B 68 -0.92 0.34 21.99
N ASN B 69 -1.99 0.80 21.35
CA ASN B 69 -2.64 2.01 21.78
C ASN B 69 -3.25 1.89 23.22
N LEU B 70 -3.76 0.70 23.52
CA LEU B 70 -4.38 0.44 24.80
C LEU B 70 -3.37 0.47 25.93
N VAL B 71 -2.09 0.42 25.62
CA VAL B 71 -1.02 0.49 26.58
C VAL B 71 -0.26 1.80 26.32
N LYS B 72 -0.92 2.79 25.70
CA LYS B 72 -0.40 4.14 25.47
C LYS B 72 0.84 4.16 24.64
N ARG B 73 0.92 3.31 23.63
CA ARG B 73 1.98 3.39 22.66
C ARG B 73 1.46 3.75 21.26
N CYS B 74 2.26 4.56 20.58
CA CYS B 74 2.00 4.90 19.19
C CYS B 74 1.87 3.62 18.42
N GLY B 75 0.92 3.58 17.49
CA GLY B 75 0.71 2.32 16.80
C GLY B 75 1.91 1.74 16.03
N TYR B 76 2.72 2.61 15.45
CA TYR B 76 3.82 2.22 14.63
C TYR B 76 4.88 1.57 15.49
N PRO B 77 5.24 0.28 15.24
CA PRO B 77 5.99 -0.38 16.33
C PRO B 77 7.40 0.10 16.52
N LEU B 78 7.93 0.90 15.58
CA LEU B 78 9.27 1.43 15.73
C LEU B 78 9.27 2.57 16.76
N CYS B 79 8.10 3.06 17.17
CA CYS B 79 8.01 4.32 17.95
C CYS B 79 7.99 4.05 19.45
N SER B 80 8.75 4.83 20.22
CA SER B 80 8.66 4.77 21.68
C SER B 80 7.87 5.89 22.29
N LYS B 81 7.11 6.64 21.52
CA LYS B 81 6.21 7.65 22.15
C LYS B 81 4.83 7.09 22.34
N SER B 82 3.98 7.94 22.89
CA SER B 82 2.55 7.74 22.95
C SER B 82 1.82 8.11 21.66
N GLN B 83 0.60 7.65 21.44
CA GLN B 83 -0.28 8.23 20.41
C GLN B 83 -0.46 9.68 20.94
N ALA B 84 -0.82 10.64 20.10
CA ALA B 84 -0.92 12.03 20.52
C ALA B 84 -2.07 12.20 21.53
N ARG B 85 -3.22 11.54 21.28
CA ARG B 85 -4.44 11.72 22.08
C ARG B 85 -4.74 10.41 22.75
N VAL B 86 -4.20 10.26 23.95
CA VAL B 86 -4.36 9.02 24.69
C VAL B 86 -5.70 9.03 25.43
N ASN B 103 -11.63 13.68 12.93
CA ASN B 103 -12.12 12.90 11.70
C ASN B 103 -11.05 12.85 10.55
N PRO B 104 -10.76 13.93 9.77
CA PRO B 104 -9.36 13.88 9.16
C PRO B 104 -8.24 13.88 10.24
N TYR B 105 -8.65 14.06 11.49
CA TYR B 105 -7.73 14.13 12.63
C TYR B 105 -7.77 12.88 13.45
N ALA B 106 -8.54 11.89 13.02
CA ALA B 106 -8.72 10.63 13.78
C ALA B 106 -7.44 9.90 14.07
N TYR B 107 -6.49 10.02 13.16
CA TYR B 107 -5.24 9.34 13.26
C TYR B 107 -4.45 9.68 14.57
N LEU B 108 -4.79 10.78 15.19
CA LEU B 108 -4.08 11.21 16.39
C LEU B 108 -4.42 10.38 17.63
N THR B 109 -5.53 9.64 17.59
CA THR B 109 -5.82 8.70 18.66
C THR B 109 -5.01 7.42 18.51
N GLU B 110 -4.29 7.21 17.40
CA GLU B 110 -3.47 5.97 17.22
C GLU B 110 -1.97 6.16 17.01
N TYR B 111 -1.60 7.39 16.63
CA TYR B 111 -0.21 7.70 16.30
C TYR B 111 0.20 9.00 16.96
N CYS B 112 1.50 9.13 17.17
CA CYS B 112 2.03 10.39 17.73
C CYS B 112 1.99 11.49 16.67
N THR B 113 2.12 11.16 15.37
CA THR B 113 2.23 12.18 14.30
C THR B 113 1.63 11.62 13.05
N LYS B 114 1.29 12.49 12.14
CA LYS B 114 0.76 12.05 10.88
C LYS B 114 1.85 11.21 10.12
N ALA B 115 3.12 11.56 10.29
CA ALA B 115 4.22 10.86 9.67
C ALA B 115 4.13 9.40 10.06
N HIS B 116 3.84 9.09 11.35
CA HIS B 116 3.85 7.71 11.73
C HIS B 116 2.57 7.01 11.30
N PHE B 117 1.48 7.74 11.20
CA PHE B 117 0.28 7.19 10.65
C PHE B 117 0.56 6.69 9.22
N ARG B 118 1.20 7.54 8.40
CA ARG B 118 1.44 7.15 7.03
C ARG B 118 2.49 6.04 6.93
N CYS B 119 3.50 6.04 7.78
CA CYS B 119 4.53 4.98 7.74
C CYS B 119 3.87 3.68 8.10
N SER B 120 2.91 3.77 9.06
CA SER B 120 2.22 2.56 9.46
C SER B 120 1.34 1.98 8.35
N GLN B 121 0.57 2.81 7.70
CA GLN B 121 -0.28 2.35 6.62
C GLN B 121 0.61 1.74 5.46
N PHE B 122 1.73 2.38 5.22
CA PHE B 122 2.61 2.01 4.11
C PHE B 122 3.16 0.59 4.32
N TYR B 123 3.58 0.32 5.55
CA TYR B 123 3.96 -1.00 5.95
C TYR B 123 2.79 -1.95 5.81
N GLN B 124 1.69 -1.60 6.42
CA GLN B 124 0.57 -2.55 6.44
C GLN B 124 0.11 -2.91 5.04
N PHE B 125 0.08 -1.96 4.11
CA PHE B 125 -0.42 -2.23 2.79
C PHE B 125 0.40 -3.29 2.05
N GLN B 126 1.62 -3.54 2.52
CA GLN B 126 2.52 -4.52 1.89
C GLN B 126 2.45 -5.87 2.55
N LEU B 127 1.74 -5.97 3.64
CA LEU B 127 1.71 -7.25 4.33
C LEU B 127 0.85 -8.22 3.51
N SER B 128 1.20 -9.50 3.55
CA SER B 128 0.45 -10.45 2.80
C SER B 128 -0.80 -10.88 3.57
N ASP B 129 -1.90 -11.17 2.90
CA ASP B 129 -3.02 -11.75 3.61
C ASP B 129 -3.08 -13.28 3.71
N GLU B 130 -2.18 -13.99 3.05
CA GLU B 130 -1.99 -15.42 3.32
C GLU B 130 -1.82 -15.70 4.84
N ALA B 131 -2.68 -16.55 5.40
CA ALA B 131 -2.60 -17.00 6.80
C ALA B 131 -1.21 -17.54 7.19
N LEU B 132 -0.80 -17.22 8.40
CA LEU B 132 0.47 -17.70 8.93
C LEU B 132 0.60 -19.19 8.72
N PHE B 133 -0.51 -19.92 9.00
CA PHE B 133 -0.55 -21.37 8.86
C PHE B 133 -0.04 -21.82 7.52
N ALA B 134 -0.32 -21.08 6.44
CA ALA B 134 0.05 -21.47 5.08
C ALA B 134 1.43 -21.04 4.67
N ARG B 135 2.10 -20.24 5.49
CA ARG B 135 3.43 -19.75 5.11
C ARG B 135 4.43 -20.85 5.49
N VAL B 136 4.77 -21.70 4.52
CA VAL B 136 5.48 -22.94 4.81
C VAL B 136 6.91 -22.61 5.18
N GLY B 137 7.30 -23.05 6.37
CA GLY B 137 8.64 -22.84 6.85
C GLY B 137 8.93 -21.48 7.47
N VAL B 138 7.93 -20.66 7.83
CA VAL B 138 8.24 -19.28 8.31
C VAL B 138 8.98 -19.26 9.57
N HIS B 139 8.82 -20.32 10.34
CA HIS B 139 9.49 -20.44 11.61
C HIS B 139 11.02 -20.65 11.54
N LEU B 140 11.55 -20.94 10.35
CA LEU B 140 12.93 -21.39 10.12
C LEU B 140 13.87 -20.30 9.58
N ASP B 141 15.14 -20.40 9.96
CA ASP B 141 16.18 -19.44 9.60
C ASP B 141 16.31 -19.24 8.12
N ASP B 142 15.88 -20.22 7.34
CA ASP B 142 16.10 -20.25 5.90
C ASP B 142 14.92 -19.73 5.11
N TYR B 143 13.87 -19.26 5.77
CA TYR B 143 12.67 -18.89 5.05
C TYR B 143 12.95 -17.71 4.10
N GLU B 144 12.29 -17.72 2.96
CA GLU B 144 12.45 -16.69 1.98
C GLU B 144 11.12 -15.99 1.74
N PRO B 145 11.04 -14.70 2.11
CA PRO B 145 9.76 -14.02 1.95
C PRO B 145 9.42 -13.80 0.45
N PRO B 146 8.13 -13.87 0.07
CA PRO B 146 7.79 -13.65 -1.33
C PRO B 146 8.23 -12.28 -1.85
N SER B 147 8.30 -11.26 -1.00
CA SER B 147 8.88 -9.99 -1.39
C SER B 147 9.54 -9.32 -0.21
N GLU B 148 10.38 -8.32 -0.49
CA GLU B 148 11.02 -7.55 0.56
C GLU B 148 10.15 -6.30 0.82
N ILE B 149 9.86 -5.99 2.08
CA ILE B 149 8.93 -4.91 2.42
C ILE B 149 9.71 -3.64 2.40
N GLN B 150 9.18 -2.53 1.89
CA GLN B 150 9.86 -1.26 2.03
C GLN B 150 9.26 -0.40 3.14
N LEU B 151 10.09 0.31 3.91
CA LEU B 151 9.51 1.31 4.87
C LEU B 151 9.53 2.67 4.23
N LEU B 152 8.51 3.42 4.53
CA LEU B 152 8.37 4.75 4.00
C LEU B 152 9.56 5.66 4.45
N GLU B 153 10.06 5.44 5.66
CA GLU B 153 11.18 6.15 6.29
C GLU B 153 12.55 5.98 5.59
N GLU B 154 12.77 4.87 4.91
CA GLU B 154 14.15 4.54 4.60
C GLU B 154 14.58 5.20 3.31
N VAL B 155 15.89 5.35 3.14
CA VAL B 155 16.39 6.30 2.16
C VAL B 155 16.51 5.72 0.73
#